data_6M5H
#
_entry.id   6M5H
#
_cell.length_a   130.150
_cell.length_b   59.980
_cell.length_c   55.100
_cell.angle_alpha   90.000
_cell.angle_beta   111.310
_cell.angle_gamma   90.000
#
_symmetry.space_group_name_H-M   'C 1 2 1'
#
loop_
_entity.id
_entity.type
_entity.pdbx_description
1 polymer Beta-lactamase
2 water water
#
_entity_poly.entity_id   1
_entity_poly.type   'polypeptide(L)'
_entity_poly.pdbx_seq_one_letter_code
;MHHHHHHANIDESKIKDTVDDLIQPLMQKNNIPGMSVAVTVNGKNYIYNYGLAAKQPQQPVTENTLFEVGSLSKTFAATL
ASYAQVSGKLSLDQSVSHYVPELRGSSFDHVSVLNVGTHTSGLQLFMPEDIKNTTQLMAYLKAWKPADAAGTHRVFSNIG
TGLLGMIAAKSLGVSYEDAIEKTLLPQLGMHHSYLKVPADQMENYAWGYNKKDEPVHVNMEILGNEAYGIKTTSSDLLRY
VQANMGQLKLDANAKMQQALTATHTGYFKSGEITQDLMWEQLPYPVSLPNLLTGNDMAMTKSVATPIVPPLPPQENVWIN
KTGSTNGFGAYIAFVPAKKMGIVMLANKNYSIDQRVTVAYKILSSLEGNK
;
_entity_poly.pdbx_strand_id   A
#
# COMPACT_ATOMS: atom_id res chain seq x y z
N HIS A 6 -12.12 31.03 -2.37
CA HIS A 6 -12.70 30.40 -3.54
C HIS A 6 -12.62 31.33 -4.75
N HIS A 7 -12.25 30.79 -5.91
CA HIS A 7 -12.19 31.57 -7.15
C HIS A 7 -12.72 30.71 -8.26
N ALA A 8 -13.76 31.20 -8.90
CA ALA A 8 -14.21 30.66 -10.18
C ALA A 8 -13.06 30.59 -11.17
N ASN A 9 -12.97 29.46 -11.86
CA ASN A 9 -12.07 29.18 -12.98
C ASN A 9 -10.64 28.89 -12.54
N ILE A 10 -10.39 28.66 -11.25
CA ILE A 10 -9.06 28.37 -10.73
C ILE A 10 -9.02 26.90 -10.33
N ASP A 11 -7.96 26.21 -10.77
CA ASP A 11 -7.84 24.76 -10.57
C ASP A 11 -8.17 24.35 -9.15
N GLU A 12 -7.50 24.95 -8.17
CA GLU A 12 -7.63 24.42 -6.81
C GLU A 12 -9.05 24.58 -6.28
N SER A 13 -9.78 25.62 -6.72
CA SER A 13 -11.16 25.82 -6.27
C SER A 13 -12.15 24.86 -6.94
N LYS A 14 -11.97 24.62 -8.24
CA LYS A 14 -12.81 23.65 -8.93
C LYS A 14 -12.67 22.27 -8.29
N ILE A 15 -11.43 21.82 -8.09
CA ILE A 15 -11.22 20.50 -7.50
C ILE A 15 -11.72 20.51 -6.05
N LYS A 16 -11.49 21.58 -5.32
CA LYS A 16 -11.90 21.61 -3.92
C LYS A 16 -13.40 21.46 -3.78
N ASP A 17 -14.17 22.09 -4.68
CA ASP A 17 -15.62 21.95 -4.62
C ASP A 17 -16.02 20.48 -4.76
N THR A 18 -15.46 19.79 -5.77
CA THR A 18 -15.76 18.38 -5.96
C THR A 18 -15.39 17.57 -4.73
N VAL A 19 -14.20 17.80 -4.21
CA VAL A 19 -13.70 17.02 -3.09
C VAL A 19 -14.51 17.30 -1.83
N ASP A 20 -14.71 18.58 -1.49
CA ASP A 20 -15.52 18.94 -0.32
C ASP A 20 -16.88 18.28 -0.38
N ASP A 21 -17.51 18.33 -1.56
CA ASP A 21 -18.89 17.85 -1.68
C ASP A 21 -19.01 16.36 -1.41
N LEU A 22 -17.93 15.60 -1.57
CA LEU A 22 -17.93 14.18 -1.27
C LEU A 22 -17.35 13.90 0.10
N ILE A 23 -16.29 14.60 0.50
CA ILE A 23 -15.56 14.25 1.73
C ILE A 23 -16.30 14.75 2.96
N GLN A 24 -16.91 15.93 2.90
CA GLN A 24 -17.62 16.38 4.09
C GLN A 24 -18.78 15.47 4.45
N PRO A 25 -19.66 15.08 3.54
CA PRO A 25 -20.70 14.11 3.90
C PRO A 25 -20.13 12.75 4.32
N LEU A 26 -19.05 12.31 3.66
CA LEU A 26 -18.40 11.06 4.04
C LEU A 26 -17.97 11.09 5.49
N MET A 27 -17.31 12.17 5.90
CA MET A 27 -16.81 12.26 7.27
C MET A 27 -17.96 12.37 8.24
N GLN A 28 -18.99 13.14 7.89
CA GLN A 28 -20.15 13.24 8.76
C GLN A 28 -20.79 11.88 8.97
N LYS A 29 -21.12 11.19 7.88
CA LYS A 29 -21.92 9.99 8.02
C LYS A 29 -21.14 8.87 8.71
N ASN A 30 -19.82 8.86 8.56
CA ASN A 30 -19.00 7.80 9.13
C ASN A 30 -18.36 8.21 10.44
N ASN A 31 -18.63 9.42 10.93
CA ASN A 31 -18.02 9.94 12.15
C ASN A 31 -16.49 9.91 12.10
N ILE A 32 -15.95 10.26 10.95
CA ILE A 32 -14.50 10.33 10.76
C ILE A 32 -13.97 11.64 11.31
N PRO A 33 -13.05 11.62 12.29
CA PRO A 33 -12.64 12.91 12.86
C PRO A 33 -11.85 13.77 11.91
N GLY A 34 -10.92 13.19 11.15
CA GLY A 34 -10.02 13.94 10.29
C GLY A 34 -9.68 13.19 9.02
N MET A 35 -9.48 13.95 7.95
CA MET A 35 -9.01 13.38 6.70
C MET A 35 -8.04 14.32 6.03
N SER A 36 -7.20 13.76 5.19
CA SER A 36 -6.51 14.54 4.18
C SER A 36 -6.70 13.85 2.84
N VAL A 37 -6.97 14.64 1.81
CA VAL A 37 -7.16 14.14 0.46
C VAL A 37 -6.20 14.89 -0.44
N ALA A 38 -5.36 14.16 -1.16
CA ALA A 38 -4.37 14.74 -2.05
C ALA A 38 -4.70 14.28 -3.46
N VAL A 39 -4.67 15.19 -4.42
CA VAL A 39 -4.99 14.89 -5.80
C VAL A 39 -3.88 15.44 -6.67
N THR A 40 -3.47 14.68 -7.69
CA THR A 40 -2.57 15.20 -8.72
C THR A 40 -3.24 15.06 -10.08
N VAL A 41 -3.16 16.12 -10.88
CA VAL A 41 -3.66 16.10 -12.26
C VAL A 41 -2.91 17.17 -13.03
N ASN A 42 -2.53 16.84 -14.26
CA ASN A 42 -1.80 17.76 -15.14
C ASN A 42 -0.51 18.27 -14.50
N GLY A 43 0.14 17.43 -13.70
CA GLY A 43 1.41 17.79 -13.11
C GLY A 43 1.30 18.73 -11.95
N LYS A 44 0.11 19.01 -11.48
CA LYS A 44 -0.11 19.91 -10.36
C LYS A 44 -0.77 19.15 -9.22
N ASN A 45 -0.50 19.61 -8.01
CA ASN A 45 -0.84 18.90 -6.79
C ASN A 45 -1.74 19.74 -5.92
N TYR A 46 -2.70 19.09 -5.25
CA TYR A 46 -3.74 19.73 -4.47
C TYR A 46 -3.92 18.94 -3.19
N ILE A 47 -3.83 19.59 -2.04
CA ILE A 47 -3.95 18.92 -0.76
C ILE A 47 -5.07 19.57 0.02
N TYR A 48 -6.04 18.80 0.48
CA TYR A 48 -7.18 19.30 1.24
C TYR A 48 -7.23 18.58 2.57
N ASN A 49 -7.25 19.37 3.64
CA ASN A 49 -7.27 18.85 5.00
C ASN A 49 -8.59 19.15 5.65
N TYR A 50 -9.08 18.21 6.45
CA TYR A 50 -10.42 18.28 7.01
C TYR A 50 -10.37 17.84 8.47
N GLY A 51 -10.97 18.63 9.36
CA GLY A 51 -11.26 18.13 10.68
C GLY A 51 -10.04 17.95 11.55
N LEU A 52 -10.09 16.92 12.39
CA LEU A 52 -9.20 16.78 13.54
C LEU A 52 -8.34 15.54 13.45
N ALA A 53 -7.04 15.73 13.71
CA ALA A 53 -6.09 14.64 13.92
C ALA A 53 -6.29 13.98 15.29
N ALA A 54 -6.73 14.77 16.28
CA ALA A 54 -6.95 14.25 17.62
C ALA A 54 -8.06 15.08 18.24
N LYS A 55 -8.83 14.46 19.14
CA LYS A 55 -10.01 15.11 19.69
C LYS A 55 -9.77 15.85 20.99
N GLN A 56 -8.89 15.37 21.86
CA GLN A 56 -8.73 15.91 23.22
C GLN A 56 -7.34 15.61 23.73
N PRO A 57 -6.46 16.62 23.71
CA PRO A 57 -6.69 17.98 23.24
C PRO A 57 -6.86 18.05 21.71
N GLN A 58 -7.76 18.91 21.26
CA GLN A 58 -8.07 19.02 19.84
C GLN A 58 -6.83 19.40 19.05
N GLN A 59 -6.59 18.71 17.93
CA GLN A 59 -5.52 19.12 17.02
C GLN A 59 -6.03 18.97 15.59
N PRO A 60 -5.88 19.99 14.77
CA PRO A 60 -6.40 19.93 13.41
C PRO A 60 -5.51 19.07 12.53
N VAL A 61 -6.10 18.53 11.45
CA VAL A 61 -5.30 17.95 10.38
C VAL A 61 -4.60 19.10 9.67
N THR A 62 -3.30 18.98 9.45
CA THR A 62 -2.48 19.96 8.76
C THR A 62 -1.70 19.23 7.66
N GLU A 63 -0.89 20.00 6.93
CA GLU A 63 -0.04 19.43 5.90
C GLU A 63 0.94 18.42 6.47
N ASN A 64 1.22 18.48 7.77
CA ASN A 64 2.18 17.58 8.40
C ASN A 64 1.56 16.38 9.08
N THR A 65 0.23 16.26 9.08
CA THR A 65 -0.40 15.17 9.83
C THR A 65 -0.02 13.81 9.27
N LEU A 66 0.42 12.93 10.15
CA LEU A 66 0.75 11.55 9.82
C LEU A 66 -0.43 10.66 10.13
N PHE A 67 -0.76 9.80 9.16
CA PHE A 67 -1.80 8.79 9.32
C PHE A 67 -1.18 7.41 9.15
N GLU A 68 -1.73 6.43 9.85
CA GLU A 68 -1.42 5.05 9.55
C GLU A 68 -2.10 4.65 8.24
N VAL A 69 -1.40 3.86 7.42
CA VAL A 69 -1.95 3.49 6.13
C VAL A 69 -2.05 1.99 5.92
N GLY A 70 -1.79 1.19 6.95
CA GLY A 70 -2.04 -0.23 6.85
C GLY A 70 -1.42 -0.84 5.63
N SER A 71 -2.24 -1.56 4.85
CA SER A 71 -1.72 -2.29 3.69
C SER A 71 -1.11 -1.43 2.59
N LEU A 72 -1.27 -0.11 2.59
CA LEU A 72 -0.44 0.65 1.65
C LEU A 72 1.04 0.38 1.90
N SER A 73 1.37 0.02 3.15
CA SER A 73 2.73 -0.33 3.51
C SER A 73 3.29 -1.44 2.64
N LYS A 74 2.42 -2.34 2.18
CA LYS A 74 2.86 -3.47 1.39
C LYS A 74 3.44 -3.05 0.06
N THR A 75 2.96 -1.94 -0.49
CA THR A 75 3.49 -1.49 -1.78
C THR A 75 4.94 -1.02 -1.64
N PHE A 76 5.35 -0.60 -0.44
CA PHE A 76 6.75 -0.26 -0.21
C PHE A 76 7.61 -1.52 -0.14
N ALA A 77 7.07 -2.59 0.47
CA ALA A 77 7.80 -3.86 0.45
C ALA A 77 8.00 -4.33 -0.98
N ALA A 78 6.99 -4.18 -1.84
CA ALA A 78 7.13 -4.53 -3.23
C ALA A 78 8.11 -3.63 -3.95
N THR A 79 8.05 -2.32 -3.70
CA THR A 79 9.02 -1.45 -4.35
C THR A 79 10.44 -1.81 -3.95
N LEU A 80 10.66 -2.18 -2.69
CA LEU A 80 11.98 -2.62 -2.27
C LEU A 80 12.38 -3.91 -2.98
N ALA A 81 11.49 -4.91 -3.06
CA ALA A 81 11.82 -6.13 -3.78
C ALA A 81 12.14 -5.83 -5.24
N SER A 82 11.37 -4.95 -5.86
CA SER A 82 11.60 -4.58 -7.24
C SER A 82 12.96 -3.89 -7.39
N TYR A 83 13.30 -3.03 -6.45
CA TYR A 83 14.61 -2.38 -6.47
C TYR A 83 15.73 -3.42 -6.36
N ALA A 84 15.56 -4.40 -5.47
CA ALA A 84 16.56 -5.45 -5.37
C ALA A 84 16.63 -6.25 -6.66
N GLN A 85 15.49 -6.50 -7.29
CA GLN A 85 15.48 -7.25 -8.53
C GLN A 85 16.18 -6.48 -9.65
N VAL A 86 15.83 -5.22 -9.85
CA VAL A 86 16.44 -4.48 -10.95
C VAL A 86 17.91 -4.22 -10.68
N SER A 87 18.34 -4.26 -9.43
CA SER A 87 19.74 -4.14 -9.05
C SER A 87 20.51 -5.44 -9.14
N GLY A 88 19.87 -6.54 -9.59
CA GLY A 88 20.54 -7.82 -9.74
C GLY A 88 20.73 -8.61 -8.48
N LYS A 89 20.05 -8.27 -7.39
CA LYS A 89 20.24 -8.92 -6.10
C LYS A 89 19.17 -9.96 -5.77
N LEU A 90 18.08 -10.01 -6.53
CA LEU A 90 16.93 -10.83 -6.19
C LEU A 90 16.33 -11.30 -7.50
N SER A 91 16.06 -12.60 -7.62
CA SER A 91 15.23 -13.11 -8.70
C SER A 91 13.87 -13.51 -8.16
N LEU A 92 12.82 -12.92 -8.71
CA LEU A 92 11.48 -13.19 -8.19
C LEU A 92 11.05 -14.63 -8.43
N ASP A 93 11.58 -15.30 -9.45
CA ASP A 93 11.17 -16.66 -9.73
C ASP A 93 11.81 -17.68 -8.80
N GLN A 94 12.85 -17.30 -8.06
CA GLN A 94 13.49 -18.26 -7.17
C GLN A 94 12.57 -18.58 -5.99
N SER A 95 12.84 -19.73 -5.37
CA SER A 95 12.07 -20.14 -4.20
C SER A 95 12.42 -19.27 -2.98
N VAL A 96 11.47 -19.21 -2.06
CA VAL A 96 11.72 -18.58 -0.78
C VAL A 96 12.86 -19.27 -0.05
N SER A 97 12.90 -20.59 -0.07
CA SER A 97 13.99 -21.26 0.65
C SER A 97 15.34 -21.06 -0.01
N HIS A 98 15.39 -20.72 -1.30
CA HIS A 98 16.66 -20.30 -1.89
C HIS A 98 17.28 -19.15 -1.08
N TYR A 99 16.46 -18.16 -0.69
CA TYR A 99 16.94 -16.98 0.02
C TYR A 99 16.88 -17.11 1.53
N VAL A 100 16.10 -18.04 2.06
CA VAL A 100 15.94 -18.22 3.50
C VAL A 100 16.35 -19.67 3.78
N PRO A 101 17.65 -19.94 3.93
CA PRO A 101 18.12 -21.33 3.97
C PRO A 101 17.55 -22.16 5.11
N GLU A 102 17.13 -21.54 6.20
CA GLU A 102 16.52 -22.32 7.28
C GLU A 102 15.23 -23.00 6.84
N LEU A 103 14.61 -22.52 5.76
CA LEU A 103 13.37 -23.09 5.25
C LEU A 103 13.62 -24.15 4.18
N ARG A 104 14.88 -24.45 3.87
CA ARG A 104 15.15 -25.47 2.87
C ARG A 104 14.65 -26.82 3.36
N GLY A 105 13.96 -27.53 2.48
CA GLY A 105 13.32 -28.77 2.82
C GLY A 105 11.90 -28.64 3.28
N SER A 106 11.37 -27.40 3.39
CA SER A 106 10.01 -27.16 3.81
C SER A 106 9.14 -26.86 2.59
N SER A 107 7.89 -26.47 2.85
CA SER A 107 7.01 -26.05 1.76
C SER A 107 7.57 -24.90 0.96
N PHE A 108 8.47 -24.13 1.56
CA PHE A 108 9.03 -22.97 0.89
C PHE A 108 10.03 -23.34 -0.16
N ASP A 109 10.35 -24.61 -0.33
CA ASP A 109 11.05 -25.06 -1.53
C ASP A 109 10.17 -24.90 -2.75
N HIS A 110 8.85 -24.78 -2.58
CA HIS A 110 7.91 -24.75 -3.69
C HIS A 110 7.09 -23.48 -3.74
N VAL A 111 7.49 -22.46 -2.99
CA VAL A 111 6.87 -21.14 -3.00
C VAL A 111 7.91 -20.17 -3.55
N SER A 112 7.56 -19.39 -4.56
CA SER A 112 8.51 -18.45 -5.10
C SER A 112 8.43 -17.10 -4.36
N VAL A 113 9.47 -16.31 -4.55
CA VAL A 113 9.38 -14.92 -4.09
C VAL A 113 8.23 -14.20 -4.78
N LEU A 114 8.01 -14.48 -6.06
CA LEU A 114 6.89 -13.89 -6.77
C LEU A 114 5.58 -14.27 -6.10
N ASN A 115 5.45 -15.52 -5.65
CA ASN A 115 4.22 -15.93 -4.96
C ASN A 115 3.96 -15.07 -3.73
N VAL A 116 4.98 -14.85 -2.91
CA VAL A 116 4.75 -14.03 -1.72
C VAL A 116 4.53 -12.57 -2.09
N GLY A 117 5.08 -12.12 -3.24
CA GLY A 117 4.84 -10.76 -3.73
C GLY A 117 3.51 -10.54 -4.41
N THR A 118 2.72 -11.59 -4.64
CA THR A 118 1.47 -11.53 -5.37
C THR A 118 0.33 -12.18 -4.61
N HIS A 119 0.55 -12.55 -3.35
CA HIS A 119 -0.47 -13.17 -2.52
C HIS A 119 -0.88 -14.54 -3.05
N THR A 120 0.04 -15.25 -3.71
CA THR A 120 -0.28 -16.56 -4.27
C THR A 120 0.50 -17.67 -3.59
N SER A 121 1.13 -17.42 -2.45
CA SER A 121 1.75 -18.54 -1.73
C SER A 121 0.72 -19.43 -1.03
N GLY A 122 -0.42 -18.88 -0.65
CA GLY A 122 -1.36 -19.57 0.21
C GLY A 122 -1.24 -19.28 1.68
N LEU A 123 -0.21 -18.59 2.12
CA LEU A 123 -0.13 -18.16 3.50
C LEU A 123 -1.38 -17.35 3.86
N GLN A 124 -1.83 -17.51 5.10
CA GLN A 124 -3.05 -16.89 5.57
C GLN A 124 -2.85 -15.38 5.77
N LEU A 125 -3.96 -14.71 6.06
CA LEU A 125 -3.92 -13.25 6.13
C LEU A 125 -3.09 -12.77 7.30
N PHE A 126 -3.35 -13.28 8.50
CA PHE A 126 -2.77 -12.72 9.72
C PHE A 126 -1.66 -13.60 10.30
N MET A 127 -0.58 -12.96 10.73
CA MET A 127 0.44 -13.62 11.52
C MET A 127 -0.21 -14.16 12.80
N PRO A 128 -0.01 -15.42 13.14
CA PRO A 128 -0.49 -15.92 14.44
C PRO A 128 0.02 -15.03 15.58
N GLU A 129 -0.88 -14.67 16.49
CA GLU A 129 -0.53 -13.66 17.48
C GLU A 129 0.50 -14.12 18.49
N ASP A 130 0.69 -15.43 18.64
CA ASP A 130 1.68 -15.91 19.60
C ASP A 130 3.09 -15.97 19.03
N ILE A 131 3.29 -15.63 17.77
CA ILE A 131 4.63 -15.61 17.20
C ILE A 131 5.28 -14.28 17.56
N LYS A 132 6.29 -14.33 18.44
CA LYS A 132 6.90 -13.13 18.97
C LYS A 132 8.32 -12.90 18.51
N ASN A 133 9.01 -13.90 18.00
CA ASN A 133 10.39 -13.73 17.64
C ASN A 133 10.70 -14.57 16.42
N THR A 134 11.90 -14.32 15.87
CA THR A 134 12.32 -14.98 14.64
C THR A 134 12.36 -16.49 14.80
N THR A 135 12.82 -16.98 15.96
CA THR A 135 12.87 -18.43 16.18
C THR A 135 11.49 -19.05 16.04
N GLN A 136 10.50 -18.47 16.70
CA GLN A 136 9.13 -18.96 16.60
C GLN A 136 8.59 -18.83 15.17
N LEU A 137 8.91 -17.73 14.49
CA LEU A 137 8.44 -17.55 13.12
C LEU A 137 8.99 -18.64 12.21
N MET A 138 10.30 -18.91 12.31
CA MET A 138 10.90 -19.93 11.45
C MET A 138 10.35 -21.31 11.75
N ALA A 139 10.09 -21.61 13.02
CA ALA A 139 9.50 -22.91 13.36
C ALA A 139 8.12 -23.06 12.75
N TYR A 140 7.33 -21.97 12.79
CA TYR A 140 6.01 -21.99 12.17
C TYR A 140 6.13 -22.22 10.67
N LEU A 141 6.98 -21.43 10.01
CA LEU A 141 7.05 -21.53 8.56
C LEU A 141 7.57 -22.87 8.11
N LYS A 142 8.49 -23.47 8.88
CA LYS A 142 9.05 -24.77 8.53
C LYS A 142 8.01 -25.86 8.61
N ALA A 143 6.94 -25.65 9.38
CA ALA A 143 5.94 -26.67 9.63
C ALA A 143 4.66 -26.42 8.86
N TRP A 144 4.63 -25.38 8.03
CA TRP A 144 3.40 -24.92 7.40
C TRP A 144 3.19 -25.60 6.06
N LYS A 145 1.92 -25.86 5.72
CA LYS A 145 1.59 -26.32 4.39
C LYS A 145 0.29 -25.64 4.00
N PRO A 146 0.15 -25.24 2.74
CA PRO A 146 -1.11 -24.65 2.28
C PRO A 146 -2.11 -25.73 1.87
N ALA A 147 -3.37 -25.34 1.87
CA ALA A 147 -4.42 -26.25 1.43
C ALA A 147 -4.34 -26.53 -0.07
N ASP A 148 -3.92 -25.55 -0.87
CA ASP A 148 -3.76 -25.68 -2.30
C ASP A 148 -2.31 -25.40 -2.66
N ALA A 149 -1.86 -25.85 -3.82
CA ALA A 149 -0.48 -25.62 -4.20
C ALA A 149 -0.25 -24.13 -4.40
N ALA A 150 0.94 -23.67 -4.04
CA ALA A 150 1.28 -22.26 -4.26
C ALA A 150 1.16 -21.98 -5.73
N GLY A 151 0.58 -20.81 -6.06
CA GLY A 151 0.41 -20.41 -7.43
C GLY A 151 -0.96 -20.69 -7.99
N THR A 152 -1.84 -21.33 -7.25
CA THR A 152 -3.17 -21.67 -7.74
C THR A 152 -4.24 -20.70 -7.30
N HIS A 153 -4.05 -20.07 -6.15
CA HIS A 153 -5.07 -19.23 -5.54
C HIS A 153 -4.42 -17.97 -5.00
N ARG A 154 -5.22 -16.91 -4.90
CA ARG A 154 -4.82 -15.67 -4.27
C ARG A 154 -5.47 -15.59 -2.90
N VAL A 155 -4.64 -15.39 -1.89
CA VAL A 155 -5.05 -15.16 -0.51
C VAL A 155 -4.22 -13.98 -0.03
N PHE A 156 -4.87 -12.83 0.11
CA PHE A 156 -4.14 -11.64 0.56
C PHE A 156 -3.49 -11.96 1.92
N SER A 157 -2.20 -11.66 2.07
CA SER A 157 -1.45 -12.18 3.22
C SER A 157 -0.46 -11.18 3.81
N ASN A 158 -0.59 -10.91 5.11
CA ASN A 158 0.45 -10.17 5.80
C ASN A 158 1.72 -10.97 5.93
N ILE A 159 1.59 -12.29 6.12
CA ILE A 159 2.77 -13.13 6.31
C ILE A 159 3.59 -13.16 5.03
N GLY A 160 2.94 -13.41 3.90
CA GLY A 160 3.66 -13.43 2.64
C GLY A 160 4.32 -12.09 2.36
N THR A 161 3.62 -10.99 2.63
CA THR A 161 4.25 -9.67 2.41
C THR A 161 5.46 -9.52 3.33
N GLY A 162 5.34 -10.01 4.56
CA GLY A 162 6.49 -10.00 5.46
C GLY A 162 7.69 -10.71 4.87
N LEU A 163 7.49 -11.90 4.31
CA LEU A 163 8.59 -12.60 3.67
C LEU A 163 9.15 -11.85 2.47
N LEU A 164 8.29 -11.25 1.66
CA LEU A 164 8.76 -10.48 0.52
C LEU A 164 9.74 -9.40 0.97
N GLY A 165 9.33 -8.60 1.96
CA GLY A 165 10.17 -7.51 2.41
C GLY A 165 11.43 -8.00 3.11
N MET A 166 11.30 -9.06 3.90
CA MET A 166 12.48 -9.61 4.60
C MET A 166 13.51 -10.07 3.60
N ILE A 167 13.07 -10.81 2.58
CA ILE A 167 13.96 -11.33 1.54
C ILE A 167 14.61 -10.19 0.77
N ALA A 168 13.80 -9.20 0.38
CA ALA A 168 14.34 -8.08 -0.37
C ALA A 168 15.42 -7.36 0.43
N ALA A 169 15.13 -7.08 1.69
CA ALA A 169 16.10 -6.35 2.51
C ALA A 169 17.38 -7.16 2.70
N LYS A 170 17.25 -8.45 2.99
CA LYS A 170 18.44 -9.28 3.16
C LYS A 170 19.27 -9.32 1.89
N SER A 171 18.63 -9.33 0.72
CA SER A 171 19.36 -9.38 -0.53
C SER A 171 20.17 -8.11 -0.74
N LEU A 172 19.77 -7.03 -0.07
CA LEU A 172 20.47 -5.75 -0.08
C LEU A 172 21.40 -5.59 1.10
N GLY A 173 21.51 -6.59 1.96
CA GLY A 173 22.49 -6.55 3.02
C GLY A 173 22.06 -5.82 4.27
N VAL A 174 20.76 -5.55 4.44
CA VAL A 174 20.29 -4.70 5.53
C VAL A 174 18.99 -5.25 6.11
N SER A 175 18.64 -4.75 7.29
CA SER A 175 17.33 -5.03 7.84
C SER A 175 16.24 -4.33 7.02
N TYR A 176 15.00 -4.82 7.15
CA TYR A 176 13.90 -4.19 6.41
C TYR A 176 13.72 -2.73 6.84
N GLU A 177 13.86 -2.46 8.13
CA GLU A 177 13.67 -1.11 8.64
C GLU A 177 14.71 -0.17 8.07
N ASP A 178 15.96 -0.60 8.01
CA ASP A 178 17.00 0.19 7.37
C ASP A 178 16.71 0.36 5.89
N ALA A 179 16.34 -0.76 5.23
CA ALA A 179 16.08 -0.67 3.81
C ALA A 179 15.03 0.40 3.51
N ILE A 180 13.97 0.45 4.30
CA ILE A 180 12.88 1.38 4.06
C ILE A 180 13.23 2.79 4.48
N GLU A 181 13.69 2.96 5.73
CA GLU A 181 13.93 4.31 6.24
C GLU A 181 15.25 4.91 5.83
N LYS A 182 16.24 4.12 5.44
CA LYS A 182 17.53 4.65 5.02
C LYS A 182 17.73 4.61 3.51
N THR A 183 17.12 3.66 2.81
CA THR A 183 17.29 3.57 1.36
C THR A 183 16.04 4.02 0.59
N LEU A 184 14.90 3.36 0.81
CA LEU A 184 13.78 3.54 -0.12
C LEU A 184 13.11 4.88 0.05
N LEU A 185 12.59 5.18 1.25
CA LEU A 185 11.88 6.44 1.42
C LEU A 185 12.77 7.65 1.15
N PRO A 186 14.04 7.66 1.56
CA PRO A 186 14.91 8.79 1.21
C PRO A 186 15.08 8.94 -0.29
N GLN A 187 15.29 7.84 -1.03
CA GLN A 187 15.48 7.97 -2.48
C GLN A 187 14.20 8.43 -3.17
N LEU A 188 13.05 8.16 -2.55
CA LEU A 188 11.79 8.65 -3.09
C LEU A 188 11.47 10.06 -2.65
N GLY A 189 12.31 10.67 -1.81
CA GLY A 189 12.05 12.01 -1.36
C GLY A 189 10.91 12.09 -0.38
N MET A 190 10.62 11.01 0.33
CA MET A 190 9.46 10.95 1.22
C MET A 190 9.99 11.11 2.65
N HIS A 191 10.20 12.36 3.02
CA HIS A 191 10.87 12.71 4.26
C HIS A 191 9.95 12.72 5.46
N HIS A 192 8.64 12.63 5.26
CA HIS A 192 7.65 12.59 6.32
C HIS A 192 6.93 11.26 6.28
N SER A 193 7.68 10.19 6.03
CA SER A 193 7.14 8.84 6.00
C SER A 193 8.03 7.96 6.87
N TYR A 194 7.41 7.14 7.71
CA TYR A 194 8.17 6.45 8.74
C TYR A 194 7.57 5.08 9.00
N LEU A 195 8.43 4.17 9.43
CA LEU A 195 7.98 2.98 10.14
C LEU A 195 7.92 3.20 11.64
N LYS A 196 8.80 4.06 12.17
CA LYS A 196 8.73 4.49 13.57
C LYS A 196 8.75 6.02 13.60
N VAL A 197 7.68 6.60 14.10
CA VAL A 197 7.56 8.06 14.10
C VAL A 197 8.54 8.66 15.11
N PRO A 198 9.38 9.60 14.68
CA PRO A 198 10.35 10.20 15.61
C PRO A 198 9.70 11.24 16.52
N ALA A 199 10.46 11.63 17.55
CA ALA A 199 9.89 12.42 18.64
C ALA A 199 9.37 13.77 18.17
N ASP A 200 10.07 14.39 17.21
CA ASP A 200 9.66 15.69 16.71
C ASP A 200 8.43 15.62 15.83
N GLN A 201 7.99 14.41 15.48
CA GLN A 201 6.80 14.24 14.65
C GLN A 201 5.63 13.67 15.42
N MET A 202 5.81 13.30 16.68
CA MET A 202 4.71 12.71 17.43
C MET A 202 3.54 13.70 17.55
N GLU A 203 3.84 14.99 17.63
CA GLU A 203 2.77 15.99 17.68
C GLU A 203 1.92 15.96 16.43
N ASN A 204 2.45 15.43 15.34
CA ASN A 204 1.77 15.38 14.04
C ASN A 204 1.11 14.04 13.78
N TYR A 205 1.29 13.07 14.66
CA TYR A 205 0.80 11.73 14.41
C TYR A 205 -0.64 11.69 14.91
N ALA A 206 -1.60 11.66 13.97
CA ALA A 206 -3.00 11.61 14.33
C ALA A 206 -3.27 10.41 15.22
N TRP A 207 -4.26 10.56 16.09
CA TRP A 207 -4.80 9.38 16.73
C TRP A 207 -5.82 8.72 15.81
N GLY A 208 -5.80 7.40 15.78
CA GLY A 208 -6.86 6.68 15.12
C GLY A 208 -8.03 6.51 16.05
N TYR A 209 -9.23 6.35 15.49
CA TYR A 209 -10.43 6.15 16.32
C TYR A 209 -11.08 4.84 15.91
N ASN A 210 -11.14 3.89 16.84
CA ASN A 210 -11.59 2.54 16.51
C ASN A 210 -13.12 2.51 16.41
N LYS A 211 -13.68 1.29 16.30
CA LYS A 211 -15.11 1.13 16.11
C LYS A 211 -15.89 1.64 17.32
N LYS A 212 -15.30 1.60 18.50
CA LYS A 212 -15.88 2.13 19.73
C LYS A 212 -15.45 3.57 19.99
N ASP A 213 -14.85 4.22 18.99
CA ASP A 213 -14.44 5.62 19.06
C ASP A 213 -13.36 5.90 20.10
N GLU A 214 -12.56 4.89 20.43
CA GLU A 214 -11.42 5.00 21.34
C GLU A 214 -10.17 5.39 20.55
N PRO A 215 -9.33 6.27 21.07
CA PRO A 215 -8.10 6.65 20.35
C PRO A 215 -7.08 5.52 20.42
N VAL A 216 -6.55 5.12 19.25
CA VAL A 216 -5.64 3.99 19.17
C VAL A 216 -4.54 4.28 18.15
N HIS A 217 -3.39 3.64 18.36
CA HIS A 217 -2.32 3.54 17.39
C HIS A 217 -2.02 2.07 17.18
N VAL A 218 -1.53 1.76 15.98
CA VAL A 218 -1.27 0.36 15.62
C VAL A 218 -0.13 -0.20 16.49
N ASN A 219 -0.30 -1.44 16.90
CA ASN A 219 0.74 -2.13 17.66
C ASN A 219 1.61 -2.89 16.67
N MET A 220 2.88 -2.58 16.64
CA MET A 220 3.80 -3.17 15.67
C MET A 220 4.30 -4.51 16.20
N GLU A 221 4.02 -5.57 15.47
CA GLU A 221 4.45 -6.92 15.84
C GLU A 221 5.33 -7.49 14.72
N ILE A 222 5.69 -8.77 14.84
CA ILE A 222 6.76 -9.31 13.99
C ILE A 222 6.35 -9.24 12.52
N LEU A 223 7.31 -8.85 11.69
CA LEU A 223 7.11 -8.61 10.26
C LEU A 223 5.97 -7.61 9.99
N GLY A 224 5.65 -6.80 11.01
CA GLY A 224 4.59 -5.81 10.84
C GLY A 224 5.02 -4.62 10.01
N ASN A 225 6.30 -4.29 10.01
CA ASN A 225 6.74 -3.16 9.20
C ASN A 225 6.40 -3.37 7.75
N GLU A 226 6.66 -4.58 7.25
CA GLU A 226 6.40 -4.95 5.87
C GLU A 226 4.92 -4.86 5.53
N ALA A 227 4.05 -5.32 6.43
CA ALA A 227 2.65 -5.52 6.12
C ALA A 227 1.81 -4.30 6.43
N TYR A 228 2.13 -3.52 7.47
CA TYR A 228 1.22 -2.48 7.93
C TYR A 228 1.94 -1.36 8.68
N GLY A 229 3.24 -1.18 8.54
CA GLY A 229 3.94 -0.27 9.44
C GLY A 229 4.05 1.19 9.07
N ILE A 230 3.66 1.62 7.88
CA ILE A 230 3.94 2.99 7.46
C ILE A 230 2.99 3.99 8.10
N LYS A 231 3.57 5.09 8.57
CA LYS A 231 2.86 6.30 8.94
C LYS A 231 3.37 7.41 8.05
N THR A 232 2.49 8.19 7.43
CA THR A 232 2.92 9.09 6.38
C THR A 232 1.88 10.21 6.20
N THR A 233 2.24 11.20 5.41
CA THR A 233 1.36 12.30 5.07
C THR A 233 0.75 12.08 3.69
N SER A 234 -0.37 12.77 3.45
CA SER A 234 -0.95 12.70 2.12
C SER A 234 -0.01 13.28 1.08
N SER A 235 0.75 14.32 1.43
CA SER A 235 1.71 14.90 0.49
C SER A 235 2.79 13.92 0.11
N ASP A 236 3.35 13.20 1.09
CA ASP A 236 4.36 12.21 0.74
C ASP A 236 3.78 11.11 -0.14
N LEU A 237 2.57 10.65 0.17
CA LEU A 237 1.97 9.63 -0.69
C LEU A 237 1.64 10.17 -2.07
N LEU A 238 1.33 11.45 -2.18
CA LEU A 238 1.09 11.99 -3.50
C LEU A 238 2.38 12.04 -4.30
N ARG A 239 3.50 12.36 -3.64
CA ARG A 239 4.79 12.27 -4.30
C ARG A 239 5.06 10.83 -4.76
N TYR A 240 4.73 9.85 -3.92
CA TYR A 240 4.89 8.45 -4.30
C TYR A 240 4.03 8.11 -5.52
N VAL A 241 2.81 8.63 -5.57
CA VAL A 241 1.98 8.43 -6.75
C VAL A 241 2.60 9.05 -7.99
N GLN A 242 3.09 10.29 -7.87
CA GLN A 242 3.77 10.92 -9.02
C GLN A 242 4.99 10.15 -9.46
N ALA A 243 5.78 9.66 -8.50
CA ALA A 243 6.96 8.88 -8.86
C ALA A 243 6.56 7.60 -9.59
N ASN A 244 5.47 6.97 -9.14
CA ASN A 244 4.90 5.83 -9.81
C ASN A 244 4.39 6.14 -11.21
N MET A 245 4.18 7.40 -11.55
CA MET A 245 3.80 7.80 -12.90
C MET A 245 4.95 8.42 -13.66
N GLY A 246 6.16 8.33 -13.13
CA GLY A 246 7.34 8.84 -13.84
C GLY A 246 7.40 10.33 -13.94
N GLN A 247 6.74 11.07 -13.07
CA GLN A 247 6.63 12.50 -13.25
C GLN A 247 7.76 13.28 -12.63
N LEU A 248 8.57 12.67 -11.79
CA LEU A 248 9.52 13.40 -10.98
C LEU A 248 10.95 13.03 -11.36
N LYS A 249 11.85 14.02 -11.24
CA LYS A 249 13.26 13.77 -11.52
C LYS A 249 13.86 12.74 -10.57
N LEU A 250 13.41 12.73 -9.32
CA LEU A 250 13.72 11.63 -8.40
C LEU A 250 15.21 11.54 -8.11
N ASP A 251 15.91 12.67 -8.21
CA ASP A 251 17.32 12.74 -7.88
C ASP A 251 18.17 11.88 -8.82
N ALA A 252 17.73 11.75 -10.08
CA ALA A 252 18.41 10.95 -11.10
C ALA A 252 18.58 9.48 -10.70
N ASN A 253 17.80 8.99 -9.74
CA ASN A 253 17.85 7.58 -9.37
C ASN A 253 17.18 6.72 -10.43
N ALA A 254 17.95 6.32 -11.44
CA ALA A 254 17.38 5.57 -12.56
C ALA A 254 16.89 4.19 -12.12
N LYS A 255 17.70 3.48 -11.31
CA LYS A 255 17.25 2.19 -10.83
C LYS A 255 15.97 2.32 -10.03
N MET A 256 15.82 3.41 -9.27
CA MET A 256 14.61 3.55 -8.48
C MET A 256 13.37 3.77 -9.36
N GLN A 257 13.46 4.57 -10.42
CA GLN A 257 12.31 4.70 -11.29
C GLN A 257 11.95 3.36 -11.91
N GLN A 258 12.95 2.63 -12.40
CA GLN A 258 12.70 1.31 -12.94
C GLN A 258 12.02 0.41 -11.91
N ALA A 259 12.47 0.49 -10.66
CA ALA A 259 11.90 -0.35 -9.61
C ALA A 259 10.44 -0.01 -9.38
N LEU A 260 10.13 1.28 -9.29
CA LEU A 260 8.74 1.72 -9.12
C LEU A 260 7.88 1.19 -10.26
N THR A 261 8.29 1.47 -11.49
CA THR A 261 7.49 1.07 -12.63
C THR A 261 7.28 -0.42 -12.67
N ALA A 262 8.33 -1.19 -12.37
CA ALA A 262 8.24 -2.64 -12.48
C ALA A 262 7.29 -3.26 -11.45
N THR A 263 6.97 -2.54 -10.36
CA THR A 263 5.97 -3.09 -9.45
C THR A 263 4.60 -3.20 -10.10
N HIS A 264 4.36 -2.47 -11.21
CA HIS A 264 3.08 -2.49 -11.89
C HIS A 264 2.95 -3.66 -12.87
N THR A 265 3.97 -4.50 -12.96
CA THR A 265 3.92 -5.65 -13.86
C THR A 265 2.79 -6.55 -13.40
N GLY A 266 1.99 -7.02 -14.33
CA GLY A 266 0.83 -7.84 -14.02
C GLY A 266 1.17 -9.31 -14.05
N TYR A 267 1.03 -9.97 -12.90
CA TYR A 267 1.48 -11.35 -12.76
C TYR A 267 0.38 -12.40 -12.68
N PHE A 268 -0.78 -12.07 -12.10
CA PHE A 268 -1.89 -13.00 -12.01
C PHE A 268 -3.18 -12.27 -12.26
N LYS A 269 -4.14 -12.96 -12.87
CA LYS A 269 -5.50 -12.49 -12.94
C LYS A 269 -6.30 -13.17 -11.85
N SER A 270 -7.17 -12.45 -11.19
CA SER A 270 -8.05 -13.07 -10.21
C SER A 270 -9.31 -12.23 -10.15
N GLY A 271 -10.44 -12.80 -10.51
CA GLY A 271 -11.68 -12.03 -10.49
C GLY A 271 -11.57 -10.88 -11.46
N GLU A 272 -11.91 -9.69 -10.97
CA GLU A 272 -11.85 -8.49 -11.76
C GLU A 272 -10.47 -7.86 -11.80
N ILE A 273 -9.51 -8.32 -10.99
CA ILE A 273 -8.23 -7.62 -10.89
C ILE A 273 -7.11 -8.35 -11.60
N THR A 274 -6.07 -7.58 -11.88
CA THR A 274 -4.74 -8.06 -12.16
C THR A 274 -3.89 -7.77 -10.94
N GLN A 275 -3.29 -8.79 -10.39
CA GLN A 275 -2.41 -8.65 -9.24
C GLN A 275 -1.00 -8.37 -9.75
N ASP A 276 -0.48 -7.20 -9.39
CA ASP A 276 0.89 -6.82 -9.72
C ASP A 276 1.76 -7.18 -8.51
N LEU A 277 2.91 -6.53 -8.36
CA LEU A 277 3.75 -6.77 -7.18
C LEU A 277 3.18 -5.87 -6.10
N MET A 278 2.30 -6.45 -5.28
CA MET A 278 1.50 -5.77 -4.26
C MET A 278 0.46 -4.80 -4.80
N TRP A 279 0.81 -3.91 -5.73
CA TRP A 279 -0.24 -3.12 -6.38
C TRP A 279 -1.26 -4.04 -7.05
N GLU A 280 -2.47 -3.55 -7.16
CA GLU A 280 -3.59 -4.23 -7.82
C GLU A 280 -4.13 -3.30 -8.87
N GLN A 281 -4.56 -3.83 -10.01
CA GLN A 281 -5.03 -2.96 -11.06
C GLN A 281 -6.25 -3.55 -11.77
N LEU A 282 -7.01 -2.66 -12.39
CA LEU A 282 -8.16 -2.98 -13.20
C LEU A 282 -8.01 -2.27 -14.54
N PRO A 283 -8.62 -2.79 -15.60
CA PRO A 283 -8.57 -2.07 -16.88
C PRO A 283 -9.28 -0.73 -16.73
N TYR A 284 -8.75 0.28 -17.42
CA TYR A 284 -9.34 1.62 -17.43
C TYR A 284 -9.83 1.92 -18.85
N PRO A 285 -11.05 2.47 -19.02
CA PRO A 285 -12.00 2.88 -17.99
C PRO A 285 -12.55 1.66 -17.28
N VAL A 286 -12.85 1.83 -16.01
CA VAL A 286 -13.37 0.74 -15.19
C VAL A 286 -14.75 1.13 -14.71
N SER A 287 -15.65 0.17 -14.66
CA SER A 287 -16.96 0.46 -14.11
C SER A 287 -16.85 0.47 -12.60
N LEU A 288 -17.68 1.28 -11.97
CA LEU A 288 -17.71 1.27 -10.51
C LEU A 288 -18.07 -0.09 -9.94
N PRO A 289 -19.06 -0.85 -10.47
CA PRO A 289 -19.30 -2.19 -9.93
C PRO A 289 -18.07 -3.07 -9.94
N ASN A 290 -17.29 -3.05 -11.03
CA ASN A 290 -16.13 -3.91 -11.10
C ASN A 290 -15.02 -3.44 -10.17
N LEU A 291 -14.87 -2.13 -10.02
CA LEU A 291 -13.90 -1.59 -9.07
C LEU A 291 -14.27 -1.96 -7.64
N LEU A 292 -15.56 -1.94 -7.32
CA LEU A 292 -15.99 -2.36 -5.99
C LEU A 292 -15.69 -3.84 -5.77
N THR A 293 -16.04 -4.67 -6.75
CA THR A 293 -15.74 -6.11 -6.65
C THR A 293 -14.25 -6.34 -6.51
N GLY A 294 -13.44 -5.64 -7.30
CA GLY A 294 -11.99 -5.79 -7.26
C GLY A 294 -11.36 -5.34 -5.95
N ASN A 295 -12.06 -4.54 -5.17
CA ASN A 295 -11.63 -4.10 -3.85
C ASN A 295 -12.30 -4.86 -2.72
N ASP A 296 -12.96 -5.96 -3.03
CA ASP A 296 -13.58 -6.81 -2.03
C ASP A 296 -12.94 -8.19 -2.06
N MET A 297 -11.61 -8.23 -2.00
CA MET A 297 -10.82 -9.45 -2.13
C MET A 297 -9.83 -9.60 -0.98
N ALA A 298 -10.10 -8.96 0.17
CA ALA A 298 -9.12 -8.87 1.23
C ALA A 298 -9.01 -10.11 2.10
N MET A 299 -10.09 -10.89 2.23
CA MET A 299 -10.14 -11.90 3.26
C MET A 299 -10.59 -13.25 2.78
N THR A 300 -10.82 -13.42 1.51
CA THR A 300 -11.25 -14.70 0.96
C THR A 300 -10.28 -15.18 -0.10
N LYS A 301 -10.22 -16.49 -0.28
CA LYS A 301 -9.40 -17.09 -1.30
C LYS A 301 -10.10 -16.97 -2.63
N SER A 302 -9.36 -16.70 -3.69
CA SER A 302 -9.90 -16.75 -5.03
C SER A 302 -8.96 -17.55 -5.92
N VAL A 303 -9.47 -18.01 -7.05
CA VAL A 303 -8.62 -18.65 -8.04
C VAL A 303 -7.71 -17.60 -8.67
N ALA A 304 -6.45 -17.95 -8.88
CA ALA A 304 -5.50 -17.06 -9.54
C ALA A 304 -5.03 -17.73 -10.81
N THR A 305 -4.88 -16.97 -11.88
CA THR A 305 -4.39 -17.50 -13.14
C THR A 305 -3.14 -16.75 -13.55
N PRO A 306 -2.04 -17.42 -13.81
CA PRO A 306 -0.80 -16.72 -14.16
C PRO A 306 -0.95 -15.96 -15.45
N ILE A 307 -0.26 -14.82 -15.51
CA ILE A 307 -0.09 -14.03 -16.73
C ILE A 307 1.35 -14.20 -17.14
N VAL A 308 1.60 -15.02 -18.16
CA VAL A 308 2.93 -15.36 -18.52
C VAL A 308 2.99 -15.39 -20.03
N PRO A 309 3.88 -14.60 -20.64
CA PRO A 309 4.80 -13.66 -19.98
C PRO A 309 4.00 -12.57 -19.25
N PRO A 310 4.57 -11.98 -18.19
CA PRO A 310 3.79 -11.02 -17.40
C PRO A 310 3.34 -9.82 -18.24
N LEU A 311 2.21 -9.25 -17.86
CA LEU A 311 1.76 -8.03 -18.55
C LEU A 311 2.69 -6.87 -18.20
N PRO A 312 3.32 -6.22 -19.17
CA PRO A 312 4.19 -5.11 -18.82
C PRO A 312 3.41 -4.03 -18.09
N PRO A 313 4.08 -3.25 -17.27
CA PRO A 313 3.44 -2.05 -16.71
C PRO A 313 2.65 -1.31 -17.77
N GLN A 314 1.42 -0.98 -17.47
CA GLN A 314 0.52 -0.34 -18.42
C GLN A 314 0.15 1.08 -18.01
N GLU A 315 -0.23 1.88 -19.03
CA GLU A 315 -0.81 3.19 -18.78
C GLU A 315 -2.33 3.11 -18.59
N ASN A 316 -3.01 2.31 -19.41
CA ASN A 316 -4.47 2.33 -19.48
C ASN A 316 -5.10 1.41 -18.45
N VAL A 317 -4.78 1.67 -17.17
CA VAL A 317 -5.24 0.85 -16.06
C VAL A 317 -5.48 1.78 -14.88
N TRP A 318 -6.31 1.30 -13.96
CA TRP A 318 -6.58 1.93 -12.68
C TRP A 318 -5.81 1.12 -11.65
N ILE A 319 -4.75 1.72 -11.10
CA ILE A 319 -3.88 1.05 -10.13
C ILE A 319 -4.26 1.52 -8.74
N ASN A 320 -4.42 0.61 -7.79
CA ASN A 320 -4.93 1.04 -6.49
C ASN A 320 -4.51 0.11 -5.38
N LYS A 321 -4.63 0.63 -4.15
CA LYS A 321 -4.51 -0.21 -2.97
C LYS A 321 -5.24 0.46 -1.82
N THR A 322 -6.01 -0.33 -1.08
CA THR A 322 -6.58 0.08 0.19
C THR A 322 -5.63 -0.27 1.34
N GLY A 323 -5.80 0.41 2.45
CA GLY A 323 -5.11 0.03 3.66
C GLY A 323 -5.87 0.48 4.88
N SER A 324 -5.81 -0.29 5.95
CA SER A 324 -6.55 0.06 7.16
C SER A 324 -5.79 -0.44 8.36
N THR A 325 -6.01 0.20 9.48
CA THR A 325 -5.67 -0.34 10.79
C THR A 325 -6.90 -0.20 11.65
N ASN A 326 -6.81 -0.59 12.92
CA ASN A 326 -8.01 -0.51 13.76
C ASN A 326 -8.54 0.92 13.84
N GLY A 327 -7.67 1.91 13.72
CA GLY A 327 -8.08 3.29 13.83
C GLY A 327 -8.03 4.13 12.57
N PHE A 328 -7.68 3.57 11.41
CA PHE A 328 -7.40 4.35 10.21
C PHE A 328 -7.91 3.65 8.97
N GLY A 329 -8.23 4.46 7.98
CA GLY A 329 -8.64 3.97 6.67
C GLY A 329 -8.07 4.82 5.57
N ALA A 330 -7.31 4.18 4.66
CA ALA A 330 -6.59 4.84 3.59
C ALA A 330 -6.93 4.19 2.26
N TYR A 331 -6.69 4.97 1.20
CA TYR A 331 -6.85 4.46 -0.16
C TYR A 331 -6.00 5.30 -1.09
N ILE A 332 -5.39 4.64 -2.06
CA ILE A 332 -4.69 5.31 -3.16
C ILE A 332 -5.16 4.72 -4.46
N ALA A 333 -5.40 5.58 -5.45
CA ALA A 333 -5.65 5.12 -6.81
C ALA A 333 -4.99 6.08 -7.79
N PHE A 334 -4.48 5.56 -8.88
CA PHE A 334 -3.93 6.40 -9.91
C PHE A 334 -4.11 5.72 -11.25
N VAL A 335 -4.19 6.57 -12.29
CA VAL A 335 -4.37 6.13 -13.67
C VAL A 335 -3.22 6.73 -14.47
N PRO A 336 -2.18 5.94 -14.76
CA PRO A 336 -1.00 6.52 -15.41
C PRO A 336 -1.33 7.19 -16.73
N ALA A 337 -2.24 6.62 -17.52
CA ALA A 337 -2.58 7.20 -18.82
C ALA A 337 -3.13 8.60 -18.68
N LYS A 338 -3.76 8.91 -17.56
CA LYS A 338 -4.33 10.22 -17.30
C LYS A 338 -3.49 11.09 -16.39
N LYS A 339 -2.31 10.60 -15.99
CA LYS A 339 -1.42 11.29 -15.07
C LYS A 339 -2.23 11.89 -13.92
N MET A 340 -3.14 11.08 -13.37
CA MET A 340 -3.98 11.55 -12.28
C MET A 340 -4.01 10.53 -11.17
N GLY A 341 -4.12 11.04 -9.95
CA GLY A 341 -4.13 10.13 -8.81
C GLY A 341 -4.70 10.80 -7.60
N ILE A 342 -5.07 9.97 -6.64
CA ILE A 342 -5.70 10.43 -5.41
C ILE A 342 -5.17 9.61 -4.24
N VAL A 343 -4.98 10.31 -3.12
CA VAL A 343 -4.69 9.71 -1.83
C VAL A 343 -5.79 10.17 -0.88
N MET A 344 -6.46 9.25 -0.20
CA MET A 344 -7.46 9.60 0.80
C MET A 344 -7.05 8.96 2.12
N LEU A 345 -6.76 9.77 3.15
CA LEU A 345 -6.32 9.30 4.46
C LEU A 345 -7.36 9.73 5.49
N ALA A 346 -7.73 8.82 6.37
CA ALA A 346 -8.69 9.09 7.43
C ALA A 346 -8.21 8.43 8.71
N ASN A 347 -8.50 9.07 9.84
CA ASN A 347 -8.27 8.47 11.15
C ASN A 347 -9.52 7.80 11.72
N LYS A 348 -10.25 7.11 10.85
CA LYS A 348 -11.23 6.10 11.22
C LYS A 348 -11.28 5.08 10.09
N ASN A 349 -11.43 3.80 10.44
CA ASN A 349 -11.48 2.72 9.45
C ASN A 349 -12.94 2.61 8.99
N TYR A 350 -13.25 3.26 7.88
CA TYR A 350 -14.59 3.25 7.29
C TYR A 350 -14.59 2.39 6.03
N SER A 351 -15.77 2.00 5.60
CA SER A 351 -15.84 0.89 4.64
C SER A 351 -15.20 1.20 3.29
N ILE A 352 -14.62 0.14 2.73
CA ILE A 352 -13.85 0.24 1.49
C ILE A 352 -14.72 0.65 0.32
N ASP A 353 -15.98 0.19 0.29
CA ASP A 353 -16.87 0.60 -0.80
C ASP A 353 -16.97 2.11 -0.88
N GLN A 354 -17.00 2.79 0.26
CA GLN A 354 -17.10 4.24 0.26
C GLN A 354 -15.81 4.89 -0.20
N ARG A 355 -14.66 4.36 0.22
CA ARG A 355 -13.39 4.91 -0.24
C ARG A 355 -13.31 4.88 -1.74
N VAL A 356 -13.61 3.72 -2.30
CA VAL A 356 -13.46 3.51 -3.73
C VAL A 356 -14.47 4.36 -4.50
N THR A 357 -15.71 4.44 -4.01
CA THR A 357 -16.73 5.22 -4.71
C THR A 357 -16.38 6.69 -4.73
N VAL A 358 -15.93 7.23 -3.59
CA VAL A 358 -15.55 8.64 -3.56
C VAL A 358 -14.35 8.90 -4.48
N ALA A 359 -13.36 8.01 -4.46
CA ALA A 359 -12.21 8.19 -5.33
C ALA A 359 -12.62 8.14 -6.79
N TYR A 360 -13.46 7.17 -7.15
CA TYR A 360 -13.97 7.06 -8.51
C TYR A 360 -14.66 8.35 -8.95
N LYS A 361 -15.50 8.91 -8.09
CA LYS A 361 -16.19 10.14 -8.44
C LYS A 361 -15.20 11.30 -8.58
N ILE A 362 -14.22 11.42 -7.69
CA ILE A 362 -13.27 12.53 -7.80
C ILE A 362 -12.44 12.40 -9.08
N LEU A 363 -11.85 11.24 -9.31
CA LEU A 363 -11.01 11.12 -10.50
C LEU A 363 -11.85 11.29 -11.76
N SER A 364 -13.08 10.76 -11.76
CA SER A 364 -13.95 10.94 -12.92
C SER A 364 -14.22 12.41 -13.22
N SER A 365 -14.24 13.26 -12.20
CA SER A 365 -14.51 14.67 -12.41
C SER A 365 -13.35 15.39 -13.08
N LEU A 366 -12.17 14.81 -13.13
CA LEU A 366 -11.01 15.61 -13.54
C LEU A 366 -10.85 15.76 -15.06
#